data_1ZHZ
#
_entry.id   1ZHZ
#
_cell.length_a   82.033
_cell.length_b   94.557
_cell.length_c   65.264
_cell.angle_alpha   90.00
_cell.angle_beta   96.38
_cell.angle_gamma   90.00
#
_symmetry.space_group_name_H-M   'C 1 2 1'
#
loop_
_entity.id
_entity.type
_entity.pdbx_description
1 polymer 'KES1 protein'
2 non-polymer 'LEAD (II) ION'
3 non-polymer ERGOSTEROL
4 water water
#
_entity_poly.entity_id   1
_entity_poly.type   'polypeptide(L)'
_entity_poly.pdbx_seq_one_letter_code
;GAMDPSQYASSSSWTSFLKSIASFNGDLSSLSAPPFILSPISLTEFSQYWAEHPELFLEPSFINDDNYKEHCLIDPEVES
PELARMLAVTKWFISTLKSQYCSRNESLGSEKKPLNPFLGELFVGKWENKEHPEFGETVLLSEQVSHHPPVTAFSIFNDK
NKVKLQGYNQIKASFTKSLMLTVKQFGHTMLDIKDESYLVTPPPLHIEGILVASPFVELEGKSYIQSSTGLLCVIEFSGR
GYFSGKKNSFKARIYKDSKDSKDKEKALYTISGQWSGSSKIIKANKKEESRLFYDAARIPAEHLNVKPLEEQHPLESRKA
WYDVAGAIKLGDFNLIAKTKTELEETQRELRKEEEAKGISWQRRWFKDFDYSVTPEEGALVPEKDDTFLKLASALNLSTK
NAPSGTLVGDKEDRKEDLSSIHWRFQRELWDEEKEIVL
;
_entity_poly.pdbx_strand_id   A
#
loop_
_chem_comp.id
_chem_comp.type
_chem_comp.name
_chem_comp.formula
ERG non-polymer ERGOSTEROL 'C28 H44 O'
PB non-polymer 'LEAD (II) ION' 'Pb 2'
#
# COMPACT_ATOMS: atom_id res chain seq x y z
N MET A 3 19.72 23.46 -6.29
CA MET A 3 21.14 23.14 -6.03
C MET A 3 21.42 21.68 -6.35
N ASP A 4 22.70 21.30 -6.33
CA ASP A 4 23.07 19.91 -6.61
C ASP A 4 22.79 19.12 -5.34
N PRO A 5 22.38 17.84 -5.48
CA PRO A 5 22.10 17.03 -4.29
C PRO A 5 23.25 17.02 -3.29
N SER A 6 24.48 17.11 -3.79
CA SER A 6 25.66 17.09 -2.91
C SER A 6 25.68 18.25 -1.92
N GLN A 7 24.91 19.31 -2.17
CA GLN A 7 24.89 20.43 -1.24
C GLN A 7 23.61 20.50 -0.41
N TYR A 8 22.73 19.51 -0.58
CA TYR A 8 21.49 19.49 0.19
C TYR A 8 21.70 19.47 1.70
N ALA A 9 22.46 18.47 2.15
CA ALA A 9 22.70 18.25 3.57
C ALA A 9 23.21 19.44 4.36
N SER A 10 24.12 20.21 3.77
CA SER A 10 24.70 21.37 4.47
C SER A 10 23.98 22.70 4.20
N SER A 11 22.95 22.66 3.34
CA SER A 11 22.21 23.88 3.00
C SER A 11 21.48 24.46 4.19
N SER A 12 21.22 25.77 4.12
CA SER A 12 20.49 26.44 5.17
C SER A 12 19.10 25.80 5.24
N SER A 13 18.53 25.49 4.08
CA SER A 13 17.19 24.91 4.02
C SER A 13 17.08 23.58 4.75
N TRP A 14 18.06 22.70 4.55
CA TRP A 14 18.01 21.41 5.22
C TRP A 14 18.24 21.55 6.73
N THR A 15 19.13 22.46 7.11
CA THR A 15 19.40 22.65 8.53
C THR A 15 18.12 23.14 9.23
N SER A 16 17.42 24.07 8.59
CA SER A 16 16.18 24.59 9.15
C SER A 16 15.13 23.48 9.22
N PHE A 17 15.16 22.59 8.23
CA PHE A 17 14.22 21.48 8.20
C PHE A 17 14.49 20.54 9.37
N LEU A 18 15.76 20.16 9.55
CA LEU A 18 16.12 19.27 10.65
C LEU A 18 15.72 19.85 11.99
N LYS A 19 15.82 21.17 12.12
CA LYS A 19 15.45 21.82 13.37
C LYS A 19 13.93 21.79 13.59
N SER A 20 13.16 21.84 12.51
CA SER A 20 11.71 21.79 12.65
C SER A 20 11.31 20.40 13.13
N ILE A 21 12.16 19.42 12.85
CA ILE A 21 11.89 18.05 13.28
C ILE A 21 11.90 17.99 14.80
N ALA A 22 12.90 18.64 15.39
CA ALA A 22 13.05 18.68 16.83
C ALA A 22 11.73 18.94 17.54
N SER A 23 10.92 19.82 16.97
CA SER A 23 9.62 20.15 17.55
C SER A 23 8.44 19.58 16.75
N PHE A 24 8.68 18.47 16.06
CA PHE A 24 7.65 17.83 15.26
C PHE A 24 6.40 17.63 16.12
N ASN A 25 5.28 18.15 15.64
CA ASN A 25 4.02 18.07 16.37
C ASN A 25 3.20 16.82 16.08
N GLY A 26 3.73 15.93 15.25
CA GLY A 26 3.02 14.71 14.93
C GLY A 26 2.42 14.72 13.54
N ASP A 27 2.25 15.91 12.96
CA ASP A 27 1.71 16.06 11.63
C ASP A 27 2.81 16.41 10.64
N LEU A 28 3.12 15.49 9.73
CA LEU A 28 4.17 15.69 8.74
C LEU A 28 4.03 16.98 7.94
N SER A 29 2.80 17.40 7.69
CA SER A 29 2.54 18.61 6.92
C SER A 29 2.96 19.90 7.63
N SER A 30 3.57 19.78 8.81
CA SER A 30 4.00 20.96 9.55
C SER A 30 5.51 21.17 9.42
N LEU A 31 6.21 20.16 8.91
CA LEU A 31 7.66 20.25 8.75
C LEU A 31 7.97 21.22 7.61
N SER A 32 9.04 21.98 7.77
CA SER A 32 9.44 22.94 6.75
C SER A 32 10.30 22.22 5.70
N ALA A 33 9.68 21.32 4.97
CA ALA A 33 10.40 20.56 3.94
C ALA A 33 10.74 21.48 2.78
N PRO A 34 12.03 21.62 2.45
CA PRO A 34 12.40 22.50 1.34
C PRO A 34 11.97 21.95 -0.02
N PRO A 35 11.79 22.83 -1.01
CA PRO A 35 11.37 22.44 -2.36
C PRO A 35 12.10 21.24 -2.97
N PHE A 36 13.42 21.16 -2.78
CA PHE A 36 14.18 20.07 -3.38
C PHE A 36 13.87 18.67 -2.83
N ILE A 37 13.16 18.60 -1.70
CA ILE A 37 12.80 17.31 -1.12
C ILE A 37 11.31 17.03 -1.30
N LEU A 38 10.65 17.90 -2.06
CA LEU A 38 9.22 17.76 -2.32
C LEU A 38 8.93 16.95 -3.58
N SER A 39 7.88 16.13 -3.52
CA SER A 39 7.48 15.35 -4.69
C SER A 39 6.18 15.92 -5.23
N PRO A 40 6.05 15.98 -6.56
CA PRO A 40 4.84 16.50 -7.20
C PRO A 40 3.74 15.45 -7.30
N ILE A 41 3.95 14.31 -6.65
CA ILE A 41 2.97 13.21 -6.70
C ILE A 41 2.16 13.11 -5.41
N SER A 42 0.84 12.97 -5.54
CA SER A 42 -0.03 12.85 -4.38
C SER A 42 -0.12 11.41 -3.88
N LEU A 43 -0.26 11.24 -2.57
CA LEU A 43 -0.38 9.91 -1.99
C LEU A 43 -1.55 9.09 -2.54
N THR A 44 -2.53 9.74 -3.17
CA THR A 44 -3.65 8.98 -3.72
C THR A 44 -3.18 8.12 -4.89
N GLU A 45 -2.06 8.51 -5.51
CA GLU A 45 -1.53 7.75 -6.62
C GLU A 45 -0.82 6.46 -6.17
N PHE A 46 -0.37 6.43 -4.92
CA PHE A 46 0.35 5.26 -4.42
C PHE A 46 -0.43 3.96 -4.50
N SER A 47 -1.75 4.06 -4.60
CA SER A 47 -2.59 2.87 -4.71
C SER A 47 -2.26 2.05 -5.96
N GLN A 48 -1.72 2.71 -6.98
CA GLN A 48 -1.39 2.02 -8.23
C GLN A 48 -0.24 1.02 -8.05
N TYR A 49 0.53 1.18 -6.99
CA TYR A 49 1.66 0.32 -6.72
C TYR A 49 1.27 -1.11 -6.37
N TRP A 50 -0.03 -1.36 -6.24
CA TRP A 50 -0.48 -2.70 -5.92
C TRP A 50 -0.60 -3.60 -7.14
N ALA A 51 -0.45 -3.05 -8.36
CA ALA A 51 -0.59 -3.90 -9.53
C ALA A 51 0.19 -3.49 -10.77
N GLU A 52 1.43 -3.03 -10.60
CA GLU A 52 2.24 -2.63 -11.73
C GLU A 52 2.86 -3.78 -12.53
N HIS A 53 2.46 -5.00 -12.19
CA HIS A 53 2.90 -6.18 -12.91
C HIS A 53 1.63 -6.97 -13.20
N PRO A 54 0.87 -6.51 -14.21
CA PRO A 54 -0.40 -7.09 -14.67
C PRO A 54 -0.45 -8.61 -14.70
N GLU A 55 0.61 -9.22 -15.22
CA GLU A 55 0.66 -10.67 -15.32
C GLU A 55 0.72 -11.38 -13.97
N LEU A 56 1.41 -10.79 -12.99
CA LEU A 56 1.50 -11.41 -11.67
C LEU A 56 0.21 -11.21 -10.89
N PHE A 57 -0.43 -10.07 -11.09
CA PHE A 57 -1.69 -9.76 -10.42
C PHE A 57 -2.77 -10.76 -10.86
N LEU A 58 -2.80 -11.09 -12.14
CA LEU A 58 -3.81 -12.01 -12.67
C LEU A 58 -3.48 -13.51 -12.67
N GLU A 59 -2.20 -13.85 -12.65
CA GLU A 59 -1.78 -15.26 -12.70
C GLU A 59 -2.59 -16.24 -11.85
N PRO A 60 -2.90 -15.87 -10.59
CA PRO A 60 -3.67 -16.81 -9.75
C PRO A 60 -5.00 -17.25 -10.36
N SER A 61 -5.65 -16.39 -11.14
CA SER A 61 -6.94 -16.76 -11.74
C SER A 61 -6.84 -17.77 -12.87
N PHE A 62 -5.64 -17.96 -13.42
CA PHE A 62 -5.44 -18.92 -14.52
C PHE A 62 -5.04 -20.29 -14.01
N ILE A 63 -4.90 -20.42 -12.69
CA ILE A 63 -4.51 -21.69 -12.08
C ILE A 63 -5.75 -22.44 -11.60
N ASN A 64 -5.93 -23.66 -12.10
CA ASN A 64 -7.10 -24.45 -11.70
C ASN A 64 -6.71 -25.90 -11.45
N ASP A 65 -7.68 -26.72 -11.03
CA ASP A 65 -7.43 -28.12 -10.74
C ASP A 65 -6.84 -28.92 -11.90
N ASP A 66 -7.05 -28.46 -13.12
CA ASP A 66 -6.56 -29.17 -14.29
C ASP A 66 -5.27 -28.67 -14.92
N ASN A 67 -4.64 -27.67 -14.32
CA ASN A 67 -3.41 -27.16 -14.90
C ASN A 67 -2.41 -26.61 -13.90
N TYR A 68 -2.74 -26.64 -12.61
CA TYR A 68 -1.88 -26.05 -11.60
C TYR A 68 -0.42 -26.44 -11.61
N LYS A 69 -0.10 -27.70 -11.94
CA LYS A 69 1.30 -28.10 -11.97
C LYS A 69 2.04 -27.40 -13.11
N GLU A 70 1.28 -26.92 -14.09
CA GLU A 70 1.86 -26.23 -15.24
C GLU A 70 1.96 -24.73 -14.98
N HIS A 71 1.52 -24.30 -13.81
CA HIS A 71 1.55 -22.89 -13.43
C HIS A 71 2.29 -22.70 -12.12
N CYS A 72 3.44 -23.37 -12.00
CA CYS A 72 4.26 -23.27 -10.80
C CYS A 72 5.71 -23.52 -11.21
N LEU A 73 6.32 -22.49 -11.78
CA LEU A 73 7.69 -22.57 -12.27
C LEU A 73 8.70 -23.08 -11.25
N ILE A 74 8.61 -22.62 -10.01
CA ILE A 74 9.57 -23.07 -9.00
C ILE A 74 9.27 -24.47 -8.45
N ASP A 75 8.12 -25.03 -8.77
CA ASP A 75 7.81 -26.37 -8.29
C ASP A 75 6.70 -27.06 -9.10
N PRO A 76 7.09 -27.71 -10.21
CA PRO A 76 6.14 -28.44 -11.07
C PRO A 76 5.49 -29.59 -10.34
N GLU A 77 5.98 -29.86 -9.13
CA GLU A 77 5.45 -30.93 -8.30
C GLU A 77 4.68 -30.35 -7.11
N VAL A 78 4.27 -29.09 -7.22
CA VAL A 78 3.51 -28.44 -6.16
C VAL A 78 2.36 -29.38 -5.76
N GLU A 79 2.09 -29.49 -4.46
CA GLU A 79 1.06 -30.38 -3.94
C GLU A 79 -0.40 -30.11 -4.28
N SER A 80 -0.77 -28.85 -4.51
CA SER A 80 -2.16 -28.55 -4.82
C SER A 80 -2.36 -27.23 -5.53
N PRO A 81 -3.54 -27.03 -6.13
CA PRO A 81 -3.82 -25.77 -6.83
C PRO A 81 -3.89 -24.63 -5.82
N GLU A 82 -4.40 -24.92 -4.63
CA GLU A 82 -4.50 -23.89 -3.59
C GLU A 82 -3.10 -23.39 -3.25
N LEU A 83 -2.16 -24.32 -3.16
CA LEU A 83 -0.77 -23.99 -2.83
C LEU A 83 -0.09 -23.26 -3.99
N ALA A 84 -0.37 -23.71 -5.22
CA ALA A 84 0.21 -23.05 -6.38
C ALA A 84 -0.25 -21.60 -6.39
N ARG A 85 -1.53 -21.38 -6.07
CA ARG A 85 -2.06 -20.02 -6.06
C ARG A 85 -1.48 -19.16 -4.95
N MET A 86 -1.19 -19.76 -3.79
CA MET A 86 -0.60 -19.00 -2.70
C MET A 86 0.82 -18.57 -3.11
N LEU A 87 1.51 -19.44 -3.84
CA LEU A 87 2.86 -19.12 -4.30
C LEU A 87 2.77 -17.94 -5.28
N ALA A 88 1.77 -17.98 -6.15
CA ALA A 88 1.57 -16.92 -7.13
C ALA A 88 1.21 -15.60 -6.45
N VAL A 89 0.32 -15.66 -5.45
CA VAL A 89 -0.08 -14.43 -4.74
C VAL A 89 1.13 -13.89 -4.00
N THR A 90 1.93 -14.80 -3.43
CA THR A 90 3.13 -14.37 -2.73
C THR A 90 4.08 -13.67 -3.70
N LYS A 91 4.25 -14.23 -4.89
CA LYS A 91 5.14 -13.62 -5.87
C LYS A 91 4.60 -12.24 -6.27
N TRP A 92 3.29 -12.15 -6.45
CA TRP A 92 2.68 -10.87 -6.81
C TRP A 92 2.95 -9.85 -5.70
N PHE A 93 2.72 -10.26 -4.45
CA PHE A 93 2.92 -9.36 -3.32
C PHE A 93 4.35 -8.84 -3.31
N ILE A 94 5.31 -9.76 -3.43
CA ILE A 94 6.70 -9.37 -3.43
C ILE A 94 6.97 -8.38 -4.56
N SER A 95 6.35 -8.60 -5.71
CA SER A 95 6.55 -7.73 -6.87
C SER A 95 6.05 -6.29 -6.63
N THR A 96 5.12 -6.12 -5.69
CA THR A 96 4.59 -4.77 -5.44
C THR A 96 5.55 -3.92 -4.61
N LEU A 97 6.42 -4.57 -3.85
CA LEU A 97 7.33 -3.86 -2.98
C LEU A 97 8.24 -2.82 -3.62
N LYS A 98 8.87 -3.15 -4.74
CA LYS A 98 9.73 -2.20 -5.41
C LYS A 98 8.91 -0.98 -5.85
N SER A 99 7.70 -1.22 -6.36
CA SER A 99 6.83 -0.11 -6.78
C SER A 99 6.48 0.74 -5.58
N GLN A 100 5.98 0.08 -4.53
CA GLN A 100 5.56 0.78 -3.33
C GLN A 100 6.64 1.62 -2.68
N TYR A 101 7.82 1.03 -2.50
CA TYR A 101 8.88 1.69 -1.76
C TYR A 101 10.16 2.17 -2.45
N CYS A 102 10.30 1.96 -3.76
CA CYS A 102 11.50 2.39 -4.47
C CYS A 102 11.24 3.36 -5.62
N SER A 103 9.99 3.43 -6.07
CA SER A 103 9.64 4.28 -7.20
C SER A 103 10.21 5.70 -7.19
N ARG A 104 10.15 6.41 -6.06
CA ARG A 104 10.67 7.77 -6.03
C ARG A 104 12.19 7.86 -6.11
N ASN A 105 12.90 6.89 -5.53
CA ASN A 105 14.35 6.95 -5.60
C ASN A 105 14.77 6.92 -7.06
N GLU A 106 14.07 6.12 -7.84
CA GLU A 106 14.35 5.98 -9.25
C GLU A 106 13.92 7.18 -10.09
N SER A 107 12.70 7.66 -9.86
CA SER A 107 12.19 8.78 -10.64
C SER A 107 12.54 10.18 -10.15
N LEU A 108 12.82 10.32 -8.85
CA LEU A 108 13.13 11.63 -8.27
C LEU A 108 14.53 11.78 -7.72
N GLY A 109 15.23 10.67 -7.51
CA GLY A 109 16.59 10.75 -6.99
C GLY A 109 16.71 10.24 -5.56
N SER A 110 15.59 10.20 -4.85
CA SER A 110 15.57 9.74 -3.47
C SER A 110 14.11 9.72 -3.06
N GLU A 111 13.83 9.27 -1.86
CA GLU A 111 12.45 9.30 -1.41
C GLU A 111 12.23 10.78 -1.14
N LYS A 112 11.00 11.26 -1.35
CA LYS A 112 10.69 12.67 -1.11
C LYS A 112 9.34 12.80 -0.44
N LYS A 113 9.01 14.00 0.02
CA LYS A 113 7.73 14.20 0.70
C LYS A 113 6.62 14.30 -0.34
N PRO A 114 5.67 13.34 -0.30
CA PRO A 114 4.56 13.32 -1.24
C PRO A 114 3.52 14.38 -0.87
N LEU A 115 2.67 14.73 -1.83
CA LEU A 115 1.63 15.70 -1.58
C LEU A 115 0.59 15.07 -0.65
N ASN A 116 0.14 15.82 0.34
CA ASN A 116 -0.88 15.38 1.30
C ASN A 116 -2.22 15.57 0.58
N PRO A 117 -2.90 14.46 0.22
CA PRO A 117 -4.18 14.53 -0.49
C PRO A 117 -5.27 15.35 0.20
N PHE A 118 -6.14 15.97 -0.59
CA PHE A 118 -7.22 16.72 0.00
C PHE A 118 -8.39 15.75 0.12
N LEU A 119 -9.28 16.00 1.08
CA LEU A 119 -10.44 15.13 1.28
C LEU A 119 -11.27 15.07 0.01
N GLY A 120 -11.56 13.87 -0.46
CA GLY A 120 -12.37 13.73 -1.66
C GLY A 120 -11.56 13.55 -2.94
N GLU A 121 -10.25 13.74 -2.84
CA GLU A 121 -9.37 13.59 -4.00
C GLU A 121 -9.53 12.22 -4.64
N LEU A 122 -9.50 12.17 -5.97
CA LEU A 122 -9.65 10.91 -6.67
C LEU A 122 -8.50 10.66 -7.63
N PHE A 123 -8.20 9.38 -7.87
CA PHE A 123 -7.16 9.01 -8.82
C PHE A 123 -7.65 7.72 -9.48
N VAL A 124 -7.92 7.81 -10.78
CA VAL A 124 -8.42 6.65 -11.53
C VAL A 124 -7.61 6.42 -12.81
N GLY A 125 -7.58 5.17 -13.25
CA GLY A 125 -6.85 4.81 -14.44
C GLY A 125 -7.09 3.34 -14.74
N LYS A 126 -6.35 2.82 -15.71
CA LYS A 126 -6.51 1.42 -16.08
C LYS A 126 -5.29 0.87 -16.80
N TRP A 127 -5.07 -0.43 -16.62
CA TRP A 127 -3.99 -1.12 -17.31
C TRP A 127 -4.81 -1.79 -18.42
N GLU A 128 -4.61 -1.34 -19.65
CA GLU A 128 -5.37 -1.91 -20.76
C GLU A 128 -4.93 -3.32 -21.13
N ASN A 129 -3.70 -3.67 -20.79
CA ASN A 129 -3.16 -5.00 -21.10
C ASN A 129 -3.41 -5.34 -22.56
N LYS A 130 -3.08 -4.41 -23.45
CA LYS A 130 -3.30 -4.61 -24.87
C LYS A 130 -2.52 -5.79 -25.47
N GLU A 131 -1.34 -6.09 -24.93
CA GLU A 131 -0.55 -7.19 -25.45
C GLU A 131 -1.00 -8.56 -24.94
N HIS A 132 -2.01 -8.56 -24.08
CA HIS A 132 -2.51 -9.81 -23.52
C HIS A 132 -4.04 -9.79 -23.50
N PRO A 133 -4.67 -10.01 -24.65
CA PRO A 133 -6.14 -10.02 -24.76
C PRO A 133 -6.84 -10.92 -23.75
N GLU A 134 -6.16 -11.96 -23.28
CA GLU A 134 -6.78 -12.86 -22.31
C GLU A 134 -6.85 -12.22 -20.93
N PHE A 135 -6.03 -11.19 -20.71
CA PHE A 135 -6.01 -10.48 -19.42
C PHE A 135 -7.25 -9.63 -19.24
N GLY A 136 -7.51 -8.77 -20.22
CA GLY A 136 -8.65 -7.87 -20.13
C GLY A 136 -8.19 -6.62 -19.40
N GLU A 137 -9.09 -5.65 -19.31
CA GLU A 137 -8.83 -4.36 -18.68
C GLU A 137 -8.82 -4.47 -17.15
N THR A 138 -7.87 -3.80 -16.51
CA THR A 138 -7.81 -3.80 -15.04
C THR A 138 -7.94 -2.35 -14.60
N VAL A 139 -8.96 -2.08 -13.78
CA VAL A 139 -9.27 -0.74 -13.30
C VAL A 139 -8.73 -0.41 -11.92
N LEU A 140 -8.24 0.82 -11.77
CA LEU A 140 -7.77 1.29 -10.48
C LEU A 140 -8.65 2.46 -10.05
N LEU A 141 -9.19 2.38 -8.84
CA LEU A 141 -9.99 3.47 -8.28
C LEU A 141 -9.35 3.79 -6.94
N SER A 142 -8.99 5.05 -6.73
CA SER A 142 -8.35 5.46 -5.49
C SER A 142 -9.02 6.74 -4.99
N GLU A 143 -9.39 6.78 -3.72
CA GLU A 143 -10.06 7.95 -3.16
C GLU A 143 -9.55 8.30 -1.77
N GLN A 144 -9.39 9.61 -1.54
CA GLN A 144 -8.94 10.06 -0.23
C GLN A 144 -10.21 10.17 0.62
N VAL A 145 -10.45 9.16 1.45
CA VAL A 145 -11.64 9.14 2.29
C VAL A 145 -11.51 9.93 3.59
N SER A 146 -10.30 10.39 3.88
CA SER A 146 -10.07 11.19 5.08
C SER A 146 -8.80 12.02 4.90
N HIS A 147 -8.82 13.25 5.41
CA HIS A 147 -7.68 14.17 5.31
C HIS A 147 -7.05 14.34 6.69
N HIS A 148 -7.90 14.32 7.72
CA HIS A 148 -7.48 14.47 9.10
C HIS A 148 -8.02 13.29 9.91
N PRO A 149 -7.26 12.19 9.99
CA PRO A 149 -5.93 11.95 9.41
C PRO A 149 -6.01 11.50 7.94
N PRO A 150 -4.87 11.48 7.25
CA PRO A 150 -4.90 11.05 5.84
C PRO A 150 -5.19 9.56 5.71
N VAL A 151 -6.18 9.22 4.90
CA VAL A 151 -6.52 7.82 4.68
C VAL A 151 -6.89 7.65 3.22
N THR A 152 -6.22 6.73 2.54
CA THR A 152 -6.51 6.47 1.13
C THR A 152 -7.15 5.09 0.99
N ALA A 153 -8.26 5.03 0.26
CA ALA A 153 -8.96 3.77 0.02
C ALA A 153 -8.83 3.46 -1.46
N PHE A 154 -8.85 2.17 -1.81
CA PHE A 154 -8.68 1.81 -3.20
C PHE A 154 -9.23 0.44 -3.55
N SER A 155 -9.37 0.23 -4.84
CA SER A 155 -9.82 -1.04 -5.38
C SER A 155 -9.24 -1.15 -6.79
N ILE A 156 -8.72 -2.33 -7.10
CA ILE A 156 -8.15 -2.60 -8.42
C ILE A 156 -8.87 -3.87 -8.82
N PHE A 157 -9.54 -3.83 -9.96
CA PHE A 157 -10.29 -5.00 -10.36
C PHE A 157 -10.26 -5.34 -11.84
N ASN A 158 -10.30 -6.64 -12.10
CA ASN A 158 -10.30 -7.20 -13.44
C ASN A 158 -11.56 -8.05 -13.57
N ASP A 159 -12.59 -7.48 -14.16
CA ASP A 159 -13.86 -8.18 -14.33
C ASP A 159 -13.78 -9.44 -15.20
N LYS A 160 -12.97 -9.41 -16.24
CA LYS A 160 -12.85 -10.56 -17.14
C LYS A 160 -12.43 -11.83 -16.41
N ASN A 161 -11.41 -11.72 -15.58
CA ASN A 161 -10.89 -12.88 -14.84
C ASN A 161 -11.32 -12.97 -13.39
N LYS A 162 -12.26 -12.13 -13.00
CA LYS A 162 -12.77 -12.13 -11.64
C LYS A 162 -11.69 -12.00 -10.56
N VAL A 163 -10.78 -11.06 -10.77
CA VAL A 163 -9.71 -10.80 -9.81
C VAL A 163 -9.93 -9.38 -9.34
N LYS A 164 -10.24 -9.23 -8.05
CA LYS A 164 -10.48 -7.90 -7.49
C LYS A 164 -9.75 -7.69 -6.17
N LEU A 165 -9.27 -6.47 -5.98
CA LEU A 165 -8.54 -6.08 -4.79
C LEU A 165 -9.15 -4.81 -4.22
N GLN A 166 -9.14 -4.70 -2.90
CA GLN A 166 -9.64 -3.50 -2.26
C GLN A 166 -8.91 -3.36 -0.94
N GLY A 167 -8.76 -2.13 -0.49
CA GLY A 167 -8.09 -1.92 0.78
C GLY A 167 -7.98 -0.45 1.07
N TYR A 168 -7.36 -0.11 2.19
CA TYR A 168 -7.19 1.30 2.53
C TYR A 168 -5.90 1.41 3.29
N ASN A 169 -5.36 2.61 3.38
CA ASN A 169 -4.11 2.82 4.06
C ASN A 169 -4.06 4.11 4.86
N GLN A 170 -3.39 4.03 6.01
CA GLN A 170 -3.18 5.17 6.90
C GLN A 170 -1.86 4.92 7.62
N ILE A 171 -1.14 5.98 7.98
CA ILE A 171 0.11 5.81 8.70
C ILE A 171 0.15 6.72 9.92
N LYS A 172 1.03 6.38 10.84
CA LYS A 172 1.25 7.20 12.02
C LYS A 172 2.77 7.25 12.06
N ALA A 173 3.31 8.46 12.03
CA ALA A 173 4.76 8.62 12.01
C ALA A 173 5.32 9.46 13.16
N SER A 174 6.57 9.19 13.50
CA SER A 174 7.25 9.93 14.55
C SER A 174 8.75 9.83 14.28
N PHE A 175 9.52 10.77 14.81
CA PHE A 175 10.97 10.75 14.61
C PHE A 175 11.69 10.26 15.86
N THR A 176 12.75 9.48 15.67
CA THR A 176 13.54 8.98 16.79
C THR A 176 14.56 10.08 17.06
N LYS A 177 15.32 9.96 18.14
CA LYS A 177 16.30 10.98 18.46
C LYS A 177 17.39 11.05 17.39
N SER A 178 17.67 9.91 16.76
CA SER A 178 18.68 9.82 15.72
C SER A 178 18.15 10.31 14.37
N LEU A 179 16.93 10.87 14.38
CA LEU A 179 16.29 11.40 13.17
C LEU A 179 15.77 10.36 12.19
N MET A 180 15.47 9.16 12.71
CA MET A 180 14.92 8.11 11.88
C MET A 180 13.42 8.37 11.89
N LEU A 181 12.76 8.29 10.74
CA LEU A 181 11.32 8.50 10.73
C LEU A 181 10.66 7.13 10.84
N THR A 182 10.06 6.87 11.99
CA THR A 182 9.39 5.59 12.22
C THR A 182 7.99 5.68 11.61
N VAL A 183 7.63 4.67 10.83
CA VAL A 183 6.32 4.67 10.21
C VAL A 183 5.56 3.38 10.47
N LYS A 184 4.37 3.50 11.06
CA LYS A 184 3.53 2.35 11.32
C LYS A 184 2.39 2.46 10.32
N GLN A 185 2.19 1.41 9.53
CA GLN A 185 1.10 1.44 8.59
C GLN A 185 -0.13 0.86 9.28
N PHE A 186 -1.30 1.33 8.87
CA PHE A 186 -2.58 0.87 9.39
C PHE A 186 -3.43 0.51 8.18
N GLY A 187 -4.29 -0.48 8.33
CA GLY A 187 -5.14 -0.89 7.23
C GLY A 187 -4.77 -2.26 6.74
N HIS A 188 -5.47 -2.72 5.71
CA HIS A 188 -5.22 -4.03 5.13
C HIS A 188 -5.79 -4.05 3.73
N THR A 189 -5.43 -5.09 2.99
CA THR A 189 -5.90 -5.23 1.62
C THR A 189 -6.37 -6.65 1.40
N MET A 190 -7.48 -6.79 0.69
CA MET A 190 -8.04 -8.10 0.39
C MET A 190 -8.03 -8.33 -1.12
N LEU A 191 -7.57 -9.51 -1.51
CA LEU A 191 -7.50 -9.89 -2.90
C LEU A 191 -8.37 -11.12 -3.14
N ASP A 192 -9.33 -10.99 -4.05
CA ASP A 192 -10.19 -12.12 -4.36
C ASP A 192 -9.85 -12.64 -5.74
N ILE A 193 -9.61 -13.94 -5.82
CA ILE A 193 -9.32 -14.62 -7.08
C ILE A 193 -10.53 -15.54 -7.23
N LYS A 194 -11.49 -15.13 -8.04
CA LYS A 194 -12.71 -15.92 -8.20
C LYS A 194 -13.33 -16.07 -6.81
N ASP A 195 -13.54 -17.29 -6.34
CA ASP A 195 -14.15 -17.46 -5.02
C ASP A 195 -13.13 -17.64 -3.90
N GLU A 196 -11.85 -17.48 -4.21
CA GLU A 196 -10.77 -17.64 -3.24
C GLU A 196 -10.28 -16.26 -2.80
N SER A 197 -10.16 -16.05 -1.49
CA SER A 197 -9.74 -14.75 -0.98
C SER A 197 -8.43 -14.74 -0.21
N TYR A 198 -7.78 -13.57 -0.20
CA TYR A 198 -6.51 -13.40 0.49
C TYR A 198 -6.48 -12.07 1.24
N LEU A 199 -6.04 -12.11 2.50
CA LEU A 199 -5.94 -10.91 3.32
C LEU A 199 -4.46 -10.57 3.44
N VAL A 200 -4.10 -9.36 3.03
CA VAL A 200 -2.70 -8.91 3.06
C VAL A 200 -2.55 -7.72 4.02
N THR A 201 -1.53 -7.76 4.87
CA THR A 201 -1.29 -6.66 5.80
C THR A 201 0.07 -6.02 5.49
N PRO A 202 0.10 -4.69 5.30
CA PRO A 202 1.34 -3.96 5.00
C PRO A 202 2.27 -3.98 6.21
N PRO A 203 3.59 -3.87 5.95
CA PRO A 203 4.55 -3.89 7.06
C PRO A 203 4.96 -2.52 7.56
N PRO A 204 5.54 -2.46 8.77
CA PRO A 204 5.96 -1.16 9.30
C PRO A 204 7.25 -0.83 8.55
N LEU A 205 7.74 0.39 8.68
CA LEU A 205 8.95 0.76 7.99
C LEU A 205 9.54 2.02 8.58
N HIS A 206 10.74 2.38 8.15
CA HIS A 206 11.35 3.60 8.62
C HIS A 206 12.07 4.25 7.46
N ILE A 207 12.19 5.58 7.55
CA ILE A 207 12.88 6.32 6.51
C ILE A 207 14.22 6.77 7.08
N GLU A 208 15.31 6.36 6.47
CA GLU A 208 16.59 6.81 6.95
C GLU A 208 17.25 7.69 5.91
N GLY A 209 18.46 8.14 6.20
CA GLY A 209 19.15 9.01 5.27
C GLY A 209 18.64 10.44 5.41
N ILE A 210 17.92 10.72 6.49
CA ILE A 210 17.39 12.07 6.69
C ILE A 210 18.49 13.07 7.00
N LEU A 211 19.44 12.68 7.85
CA LEU A 211 20.52 13.58 8.18
C LEU A 211 21.30 14.01 6.93
N VAL A 212 21.57 13.07 6.04
CA VAL A 212 22.33 13.36 4.83
C VAL A 212 21.50 13.87 3.65
N ALA A 213 20.23 14.16 3.90
CA ALA A 213 19.33 14.66 2.87
C ALA A 213 19.16 13.73 1.66
N SER A 214 19.14 12.42 1.91
CA SER A 214 18.94 11.46 0.84
C SER A 214 18.11 10.34 1.45
N PRO A 215 16.82 10.62 1.68
CA PRO A 215 15.89 9.67 2.28
C PRO A 215 15.61 8.43 1.47
N PHE A 216 15.38 7.33 2.16
CA PHE A 216 15.04 6.09 1.49
C PHE A 216 14.30 5.20 2.47
N VAL A 217 13.46 4.34 1.92
CA VAL A 217 12.64 3.44 2.72
C VAL A 217 13.31 2.11 3.01
N GLU A 218 13.12 1.62 4.23
CA GLU A 218 13.62 0.31 4.61
C GLU A 218 12.45 -0.31 5.37
N LEU A 219 12.11 -1.54 4.99
CA LEU A 219 11.00 -2.23 5.62
C LEU A 219 11.48 -3.02 6.82
N GLU A 220 10.55 -3.29 7.74
CA GLU A 220 10.86 -4.04 8.94
C GLU A 220 9.61 -4.82 9.35
N GLY A 221 9.66 -5.48 10.51
CA GLY A 221 8.51 -6.22 10.98
C GLY A 221 8.06 -7.33 10.05
N LYS A 222 6.75 -7.55 9.98
CA LYS A 222 6.17 -8.62 9.16
C LYS A 222 4.93 -8.20 8.39
N SER A 223 4.64 -8.97 7.34
CA SER A 223 3.45 -8.80 6.52
C SER A 223 2.85 -10.20 6.47
N TYR A 224 1.53 -10.29 6.44
CA TYR A 224 0.89 -11.60 6.35
C TYR A 224 0.01 -11.68 5.11
N ILE A 225 -0.15 -12.90 4.61
CA ILE A 225 -1.04 -13.16 3.50
C ILE A 225 -1.81 -14.39 3.93
N GLN A 226 -3.03 -14.17 4.41
CA GLN A 226 -3.89 -15.26 4.88
C GLN A 226 -4.96 -15.55 3.85
N SER A 227 -5.01 -16.79 3.39
CA SER A 227 -5.99 -17.21 2.40
C SER A 227 -7.17 -17.96 3.02
N SER A 228 -8.29 -17.95 2.31
CA SER A 228 -9.49 -18.65 2.75
C SER A 228 -9.25 -20.15 2.65
N THR A 229 -8.16 -20.52 1.98
CA THR A 229 -7.79 -21.91 1.82
C THR A 229 -7.13 -22.40 3.11
N GLY A 230 -6.87 -21.47 4.02
CA GLY A 230 -6.22 -21.82 5.26
C GLY A 230 -4.74 -21.50 5.20
N LEU A 231 -4.16 -21.63 4.01
CA LEU A 231 -2.73 -21.35 3.81
C LEU A 231 -2.37 -19.95 4.28
N LEU A 232 -1.17 -19.82 4.85
CA LEU A 232 -0.68 -18.54 5.35
C LEU A 232 0.77 -18.30 5.00
N CYS A 233 1.07 -17.08 4.54
CA CYS A 233 2.43 -16.71 4.21
C CYS A 233 2.83 -15.64 5.21
N VAL A 234 4.00 -15.80 5.81
CA VAL A 234 4.53 -14.85 6.78
C VAL A 234 5.81 -14.29 6.19
N ILE A 235 5.81 -13.00 5.88
CA ILE A 235 6.98 -12.37 5.29
C ILE A 235 7.64 -11.48 6.34
N GLU A 236 8.92 -11.74 6.62
CA GLU A 236 9.68 -10.96 7.60
C GLU A 236 10.68 -10.09 6.86
N PHE A 237 10.73 -8.81 7.22
CA PHE A 237 11.64 -7.87 6.57
C PHE A 237 12.84 -7.51 7.42
N SER A 238 13.97 -7.32 6.76
CA SER A 238 15.21 -6.97 7.45
C SER A 238 16.10 -6.18 6.48
N GLY A 239 17.31 -5.88 6.92
CA GLY A 239 18.24 -5.14 6.08
C GLY A 239 19.49 -4.73 6.81
N ARG A 240 20.22 -3.77 6.23
CA ARG A 240 21.44 -3.29 6.85
C ARG A 240 21.10 -2.69 8.21
N GLY A 241 22.00 -2.85 9.17
CA GLY A 241 21.75 -2.32 10.49
C GLY A 241 20.89 -3.28 11.30
N TYR A 242 20.33 -4.28 10.63
CA TYR A 242 19.49 -5.27 11.30
C TYR A 242 20.11 -6.66 11.28
N PHE A 243 19.32 -7.65 11.73
CA PHE A 243 19.79 -9.02 11.82
C PHE A 243 20.52 -9.59 10.60
N SER A 244 19.95 -9.40 9.41
CA SER A 244 20.60 -9.94 8.21
C SER A 244 21.75 -9.09 7.67
N GLY A 245 21.60 -7.78 7.74
CA GLY A 245 22.64 -6.88 7.24
C GLY A 245 22.66 -6.75 5.74
N LYS A 246 21.64 -7.30 5.08
CA LYS A 246 21.54 -7.24 3.63
C LYS A 246 20.37 -6.33 3.23
N LYS A 247 20.69 -5.23 2.56
CA LYS A 247 19.70 -4.25 2.13
C LYS A 247 18.41 -4.83 1.52
N ASN A 248 17.27 -4.25 1.92
CA ASN A 248 15.95 -4.67 1.41
C ASN A 248 15.74 -6.17 1.37
N SER A 249 16.11 -6.87 2.45
CA SER A 249 15.96 -8.31 2.49
C SER A 249 14.67 -8.77 3.14
N PHE A 250 14.30 -10.01 2.87
CA PHE A 250 13.09 -10.59 3.43
C PHE A 250 13.21 -12.10 3.44
N LYS A 251 12.33 -12.73 4.22
CA LYS A 251 12.26 -14.17 4.31
C LYS A 251 10.78 -14.44 4.47
N ALA A 252 10.23 -15.25 3.57
CA ALA A 252 8.82 -15.58 3.62
C ALA A 252 8.65 -17.08 3.76
N ARG A 253 7.76 -17.49 4.63
CA ARG A 253 7.50 -18.90 4.82
C ARG A 253 6.01 -19.15 4.63
N ILE A 254 5.67 -20.21 3.90
CA ILE A 254 4.28 -20.55 3.66
C ILE A 254 3.92 -21.76 4.51
N TYR A 255 2.84 -21.65 5.26
CA TYR A 255 2.38 -22.73 6.13
C TYR A 255 1.01 -23.25 5.73
N LYS A 256 0.71 -24.47 6.17
CA LYS A 256 -0.58 -25.08 5.88
C LYS A 256 -1.70 -24.27 6.53
N ASP A 257 -1.39 -23.65 7.66
CA ASP A 257 -2.35 -22.82 8.37
C ASP A 257 -1.66 -21.99 9.46
N SER A 258 -2.39 -21.02 10.02
CA SER A 258 -1.84 -20.14 11.04
C SER A 258 -1.26 -20.91 12.23
N LYS A 259 -1.85 -22.07 12.54
CA LYS A 259 -1.35 -22.88 13.64
C LYS A 259 0.08 -23.31 13.39
N ASP A 260 0.32 -23.83 12.18
CA ASP A 260 1.65 -24.28 11.81
C ASP A 260 2.69 -23.17 11.78
N SER A 261 2.25 -21.94 11.53
CA SER A 261 3.17 -20.80 11.47
C SER A 261 3.92 -20.51 12.77
N LYS A 262 3.51 -21.16 13.86
CA LYS A 262 4.18 -20.97 15.15
C LYS A 262 5.49 -21.75 15.17
N ASP A 263 5.64 -22.66 14.21
CA ASP A 263 6.84 -23.50 14.10
C ASP A 263 7.46 -23.36 12.72
N LYS A 264 8.56 -22.61 12.62
CA LYS A 264 9.23 -22.39 11.34
C LYS A 264 9.60 -23.70 10.64
N GLU A 265 9.78 -24.76 11.41
CA GLU A 265 10.14 -26.07 10.88
C GLU A 265 9.03 -26.62 9.99
N LYS A 266 7.79 -26.23 10.25
CA LYS A 266 6.66 -26.73 9.47
C LYS A 266 6.43 -25.99 8.14
N ALA A 267 7.30 -25.04 7.82
CA ALA A 267 7.15 -24.29 6.58
C ALA A 267 7.19 -25.17 5.34
N LEU A 268 6.20 -24.99 4.46
CA LEU A 268 6.12 -25.77 3.22
C LEU A 268 7.18 -25.28 2.24
N TYR A 269 7.41 -23.97 2.24
CA TYR A 269 8.41 -23.36 1.39
C TYR A 269 9.01 -22.19 2.15
N THR A 270 10.26 -21.87 1.85
CA THR A 270 10.94 -20.76 2.48
C THR A 270 11.57 -19.96 1.34
N ILE A 271 11.19 -18.69 1.25
CA ILE A 271 11.69 -17.78 0.23
C ILE A 271 12.59 -16.75 0.89
N SER A 272 13.74 -16.47 0.30
CA SER A 272 14.66 -15.49 0.86
C SER A 272 15.44 -14.74 -0.20
N GLY A 273 15.72 -13.48 0.08
CA GLY A 273 16.45 -12.64 -0.85
C GLY A 273 16.09 -11.18 -0.65
N GLN A 274 16.22 -10.38 -1.70
CA GLN A 274 15.91 -8.96 -1.62
C GLN A 274 14.66 -8.68 -2.45
N TRP A 275 13.70 -7.98 -1.87
CA TRP A 275 12.47 -7.67 -2.60
C TRP A 275 12.70 -6.67 -3.72
N SER A 276 13.80 -5.93 -3.66
CA SER A 276 14.10 -4.96 -4.71
C SER A 276 15.07 -5.62 -5.70
N GLY A 277 15.29 -6.92 -5.51
CA GLY A 277 16.19 -7.63 -6.37
C GLY A 277 15.76 -9.07 -6.57
N SER A 278 16.69 -9.99 -6.36
CA SER A 278 16.38 -11.41 -6.56
C SER A 278 16.19 -12.17 -5.25
N SER A 279 15.34 -13.19 -5.31
CA SER A 279 15.06 -14.04 -4.17
C SER A 279 14.94 -15.48 -4.67
N LYS A 280 15.31 -16.42 -3.80
CA LYS A 280 15.25 -17.83 -4.15
C LYS A 280 14.26 -18.54 -3.25
N ILE A 281 13.81 -19.71 -3.67
CA ILE A 281 12.86 -20.47 -2.88
C ILE A 281 13.33 -21.90 -2.65
N ILE A 282 13.04 -22.42 -1.46
CA ILE A 282 13.42 -23.77 -1.09
C ILE A 282 12.18 -24.51 -0.61
N LYS A 283 12.01 -25.76 -1.05
CA LYS A 283 10.87 -26.55 -0.64
C LYS A 283 11.21 -27.35 0.59
N ALA A 284 10.28 -27.38 1.55
CA ALA A 284 10.48 -28.11 2.80
C ALA A 284 11.86 -27.83 3.38
N ASN A 285 12.59 -28.91 3.67
CA ASN A 285 13.93 -28.80 4.25
C ASN A 285 15.05 -29.03 3.23
N LYS A 286 14.67 -29.19 1.97
CA LYS A 286 15.65 -29.41 0.91
C LYS A 286 16.42 -28.16 0.54
N LYS A 287 17.26 -27.71 1.47
CA LYS A 287 18.07 -26.52 1.26
C LYS A 287 19.00 -26.69 0.07
N GLU A 288 19.24 -27.94 -0.31
CA GLU A 288 20.11 -28.24 -1.44
C GLU A 288 19.49 -27.69 -2.72
N GLU A 289 18.25 -28.05 -2.96
CA GLU A 289 17.52 -27.62 -4.15
C GLU A 289 16.82 -26.28 -3.94
N SER A 290 17.38 -25.22 -4.51
CA SER A 290 16.80 -23.88 -4.42
C SER A 290 16.63 -23.37 -5.84
N ARG A 291 15.59 -22.57 -6.07
CA ARG A 291 15.34 -22.02 -7.39
C ARG A 291 15.06 -20.52 -7.32
N LEU A 292 15.24 -19.83 -8.43
CA LEU A 292 14.98 -18.39 -8.48
C LEU A 292 13.47 -18.19 -8.34
N PHE A 293 13.06 -17.39 -7.35
CA PHE A 293 11.65 -17.14 -7.12
C PHE A 293 11.19 -15.90 -7.86
N TYR A 294 11.92 -14.81 -7.68
CA TYR A 294 11.59 -13.54 -8.32
C TYR A 294 12.83 -12.68 -8.43
N ASP A 295 12.92 -11.91 -9.52
CA ASP A 295 14.03 -11.00 -9.74
C ASP A 295 13.42 -9.69 -10.23
N ALA A 296 13.26 -8.75 -9.32
CA ALA A 296 12.67 -7.46 -9.62
C ALA A 296 13.33 -6.73 -10.77
N ALA A 297 14.64 -6.92 -10.93
CA ALA A 297 15.38 -6.24 -12.00
C ALA A 297 15.03 -6.71 -13.42
N ARG A 298 14.56 -7.95 -13.54
CA ARG A 298 14.23 -8.51 -14.85
C ARG A 298 12.83 -8.17 -15.36
N ILE A 299 11.97 -7.72 -14.47
CA ILE A 299 10.60 -7.41 -14.85
C ILE A 299 10.23 -5.95 -14.65
N PRO A 300 10.21 -5.17 -15.75
CA PRO A 300 9.87 -3.75 -15.70
C PRO A 300 8.45 -3.50 -15.21
N ALA A 301 8.27 -2.45 -14.42
CA ALA A 301 6.94 -2.11 -13.94
C ALA A 301 6.14 -1.56 -15.11
N GLU A 302 4.84 -1.83 -15.13
CA GLU A 302 3.96 -1.32 -16.18
C GLU A 302 3.04 -0.29 -15.54
N HIS A 303 3.18 0.96 -15.96
CA HIS A 303 2.37 2.04 -15.41
C HIS A 303 0.98 2.08 -16.02
N LEU A 304 -0.03 2.37 -15.20
CA LEU A 304 -1.38 2.40 -15.71
C LEU A 304 -1.61 3.59 -16.63
N ASN A 305 -2.66 3.47 -17.43
CA ASN A 305 -3.04 4.53 -18.36
C ASN A 305 -3.95 5.51 -17.62
N VAL A 306 -3.57 6.78 -17.67
CA VAL A 306 -4.34 7.84 -17.03
C VAL A 306 -4.71 8.80 -18.15
N LYS A 307 -5.98 9.19 -18.21
CA LYS A 307 -6.45 10.08 -19.26
C LYS A 307 -5.65 11.38 -19.27
N PRO A 308 -5.62 12.09 -20.42
CA PRO A 308 -4.86 13.34 -20.44
C PRO A 308 -5.50 14.37 -19.50
N LEU A 309 -4.67 15.25 -18.97
CA LEU A 309 -5.11 16.30 -18.05
C LEU A 309 -6.36 17.04 -18.50
N GLU A 310 -6.42 17.34 -19.79
CA GLU A 310 -7.55 18.08 -20.37
C GLU A 310 -8.89 17.37 -20.19
N GLU A 311 -8.86 16.06 -20.00
CA GLU A 311 -10.09 15.27 -19.83
C GLU A 311 -10.42 14.94 -18.38
N GLN A 312 -9.55 15.32 -17.46
CA GLN A 312 -9.77 15.01 -16.06
C GLN A 312 -10.78 15.88 -15.31
N HIS A 313 -11.54 15.22 -14.46
CA HIS A 313 -12.56 15.83 -13.60
C HIS A 313 -11.82 16.65 -12.53
N PRO A 314 -12.43 17.76 -12.05
CA PRO A 314 -11.82 18.61 -11.02
C PRO A 314 -11.26 17.87 -9.80
N LEU A 315 -11.90 16.77 -9.43
CA LEU A 315 -11.45 15.99 -8.27
C LEU A 315 -10.25 15.08 -8.55
N GLU A 316 -9.94 14.84 -9.81
CA GLU A 316 -8.81 13.96 -10.12
C GLU A 316 -7.49 14.58 -9.69
N SER A 317 -6.70 13.79 -8.98
CA SER A 317 -5.42 14.21 -8.41
C SER A 317 -4.55 15.15 -9.25
N ARG A 318 -4.05 14.65 -10.38
CA ARG A 318 -3.18 15.45 -11.24
C ARG A 318 -3.79 16.78 -11.69
N LYS A 319 -5.07 16.76 -12.00
CA LYS A 319 -5.75 17.97 -12.44
C LYS A 319 -5.77 18.97 -11.29
N ALA A 320 -6.25 18.52 -10.12
CA ALA A 320 -6.35 19.39 -8.96
C ALA A 320 -5.01 19.92 -8.45
N TRP A 321 -3.97 19.09 -8.48
CA TRP A 321 -2.65 19.50 -8.00
C TRP A 321 -1.75 20.12 -9.07
N TYR A 322 -2.26 20.22 -10.28
CA TYR A 322 -1.50 20.76 -11.41
C TYR A 322 -0.61 21.97 -11.13
N ASP A 323 -1.20 23.05 -10.62
CA ASP A 323 -0.41 24.25 -10.34
C ASP A 323 0.68 24.00 -9.31
N VAL A 324 0.37 23.23 -8.28
CA VAL A 324 1.34 22.92 -7.24
C VAL A 324 2.47 22.03 -7.76
N ALA A 325 2.11 21.03 -8.56
CA ALA A 325 3.12 20.12 -9.12
C ALA A 325 4.05 20.94 -10.00
N GLY A 326 3.48 21.84 -10.80
CA GLY A 326 4.29 22.66 -11.67
C GLY A 326 5.25 23.53 -10.88
N ALA A 327 4.78 24.09 -9.78
CA ALA A 327 5.60 24.96 -8.93
C ALA A 327 6.74 24.14 -8.32
N ILE A 328 6.42 22.91 -7.92
CA ILE A 328 7.43 22.05 -7.32
C ILE A 328 8.51 21.70 -8.33
N LYS A 329 8.10 21.42 -9.56
CA LYS A 329 9.08 21.07 -10.59
C LYS A 329 9.97 22.27 -10.89
N LEU A 330 9.43 23.47 -10.75
CA LEU A 330 10.20 24.69 -10.99
C LEU A 330 11.10 25.00 -9.79
N GLY A 331 10.73 24.48 -8.63
CA GLY A 331 11.51 24.73 -7.42
C GLY A 331 11.33 26.15 -6.94
N ASP A 332 10.22 26.77 -7.32
CA ASP A 332 9.90 28.15 -6.93
C ASP A 332 9.30 28.21 -5.52
N PHE A 333 10.09 28.65 -4.54
CA PHE A 333 9.63 28.75 -3.16
C PHE A 333 8.28 29.44 -3.01
N ASN A 334 8.21 30.69 -3.47
CA ASN A 334 6.98 31.47 -3.35
C ASN A 334 5.79 30.87 -4.10
N LEU A 335 6.03 30.36 -5.30
CA LEU A 335 4.95 29.79 -6.08
C LEU A 335 4.40 28.51 -5.45
N ILE A 336 5.28 27.72 -4.84
CA ILE A 336 4.87 26.49 -4.19
C ILE A 336 3.96 26.82 -3.00
N ALA A 337 4.41 27.77 -2.18
CA ALA A 337 3.63 28.17 -1.02
C ALA A 337 2.29 28.78 -1.44
N LYS A 338 2.33 29.59 -2.49
CA LYS A 338 1.13 30.24 -2.98
C LYS A 338 0.11 29.25 -3.53
N THR A 339 0.54 28.37 -4.43
CA THR A 339 -0.36 27.40 -5.03
C THR A 339 -0.91 26.39 -3.99
N LYS A 340 -0.05 25.92 -3.10
CA LYS A 340 -0.46 24.96 -2.08
C LYS A 340 -1.46 25.59 -1.12
N THR A 341 -1.19 26.83 -0.72
CA THR A 341 -2.08 27.54 0.19
C THR A 341 -3.45 27.73 -0.45
N GLU A 342 -3.46 28.09 -1.73
CA GLU A 342 -4.72 28.32 -2.43
C GLU A 342 -5.62 27.09 -2.36
N LEU A 343 -5.07 25.93 -2.67
CA LEU A 343 -5.86 24.72 -2.65
C LEU A 343 -6.24 24.32 -1.22
N GLU A 344 -5.26 24.33 -0.33
CA GLU A 344 -5.52 23.93 1.05
C GLU A 344 -6.40 24.90 1.83
N GLU A 345 -6.29 26.19 1.53
CA GLU A 345 -7.13 27.17 2.22
C GLU A 345 -8.57 26.99 1.76
N THR A 346 -8.75 26.71 0.48
CA THR A 346 -10.08 26.50 -0.06
C THR A 346 -10.71 25.30 0.65
N GLN A 347 -9.91 24.25 0.87
CA GLN A 347 -10.40 23.06 1.55
C GLN A 347 -10.78 23.40 2.99
N ARG A 348 -9.93 24.18 3.64
CA ARG A 348 -10.15 24.62 5.01
C ARG A 348 -11.49 25.33 5.12
N GLU A 349 -11.76 26.22 4.18
CA GLU A 349 -13.04 26.95 4.17
C GLU A 349 -14.20 26.00 3.98
N LEU A 350 -14.02 24.97 3.16
CA LEU A 350 -15.08 23.99 2.95
C LEU A 350 -15.40 23.27 4.24
N ARG A 351 -14.35 22.90 4.98
CA ARG A 351 -14.53 22.18 6.24
C ARG A 351 -15.26 23.06 7.27
N LYS A 352 -14.97 24.36 7.26
CA LYS A 352 -15.61 25.28 8.20
C LYS A 352 -17.09 25.43 7.88
N GLU A 353 -17.41 25.54 6.59
CA GLU A 353 -18.80 25.67 6.19
C GLU A 353 -19.57 24.43 6.61
N GLU A 354 -19.00 23.26 6.32
CA GLU A 354 -19.62 21.98 6.67
C GLU A 354 -19.89 21.89 8.17
N GLU A 355 -18.92 22.31 8.98
CA GLU A 355 -19.03 22.26 10.43
C GLU A 355 -20.11 23.17 10.98
N ALA A 356 -20.21 24.38 10.43
CA ALA A 356 -21.21 25.33 10.89
C ALA A 356 -22.59 25.07 10.29
N LYS A 357 -22.60 24.54 9.08
CA LYS A 357 -23.84 24.25 8.37
C LYS A 357 -24.44 22.89 8.75
N GLY A 358 -23.66 22.08 9.45
CA GLY A 358 -24.14 20.77 9.85
C GLY A 358 -24.19 19.81 8.67
N ILE A 359 -23.23 19.94 7.76
CA ILE A 359 -23.15 19.09 6.58
C ILE A 359 -21.86 18.30 6.66
N SER A 360 -21.86 17.09 6.10
CA SER A 360 -20.68 16.26 6.13
C SER A 360 -20.28 15.82 4.72
N TRP A 361 -18.99 15.65 4.50
CA TRP A 361 -18.51 15.23 3.20
C TRP A 361 -18.89 13.77 2.96
N GLN A 362 -19.52 13.52 1.80
CA GLN A 362 -19.95 12.17 1.46
C GLN A 362 -18.89 11.53 0.58
N ARG A 363 -18.40 10.37 1.00
CA ARG A 363 -17.40 9.65 0.23
C ARG A 363 -18.05 9.11 -1.04
N ARG A 364 -17.27 9.03 -2.12
CA ARG A 364 -17.80 8.62 -3.41
C ARG A 364 -17.96 7.12 -3.72
N TRP A 365 -16.90 6.35 -3.54
CA TRP A 365 -16.98 4.93 -3.85
C TRP A 365 -16.68 4.01 -2.67
N PHE A 366 -16.42 4.60 -1.51
CA PHE A 366 -16.12 3.81 -0.31
C PHE A 366 -16.93 4.29 0.88
N LYS A 367 -17.24 3.38 1.79
CA LYS A 367 -18.00 3.71 2.99
C LYS A 367 -17.26 3.11 4.17
N ASP A 368 -17.34 3.75 5.33
CA ASP A 368 -16.66 3.22 6.50
C ASP A 368 -17.55 2.32 7.36
N PHE A 369 -17.20 1.04 7.41
CA PHE A 369 -17.94 0.05 8.17
C PHE A 369 -17.41 -0.06 9.59
N ASP A 370 -18.31 -0.12 10.56
CA ASP A 370 -17.92 -0.23 11.96
C ASP A 370 -17.97 -1.69 12.38
N TYR A 371 -16.79 -2.27 12.62
CA TYR A 371 -16.69 -3.66 13.04
C TYR A 371 -16.74 -3.87 14.56
N SER A 372 -16.94 -2.80 15.32
CA SER A 372 -16.98 -2.94 16.77
C SER A 372 -18.24 -3.68 17.25
N VAL A 373 -18.13 -4.29 18.42
CA VAL A 373 -19.25 -5.02 19.01
C VAL A 373 -20.40 -4.06 19.29
N THR A 374 -20.05 -2.80 19.51
CA THR A 374 -21.04 -1.76 19.78
C THR A 374 -20.79 -0.65 18.78
N PRO A 375 -21.23 -0.84 17.54
CA PRO A 375 -21.06 0.14 16.46
C PRO A 375 -21.89 1.40 16.58
N GLU A 376 -21.43 2.47 15.94
CA GLU A 376 -22.14 3.74 15.93
C GLU A 376 -23.50 3.43 15.31
N GLU A 377 -24.56 3.96 15.89
CA GLU A 377 -25.91 3.69 15.42
C GLU A 377 -26.23 3.95 13.94
N GLY A 378 -25.52 4.88 13.31
CA GLY A 378 -25.80 5.16 11.91
C GLY A 378 -24.85 4.51 10.91
N ALA A 379 -23.80 3.87 11.42
CA ALA A 379 -22.80 3.24 10.55
C ALA A 379 -23.21 1.92 9.92
N LEU A 380 -22.62 1.63 8.78
CA LEU A 380 -22.86 0.37 8.09
C LEU A 380 -22.10 -0.66 8.90
N VAL A 381 -22.60 -1.88 8.95
CA VAL A 381 -21.94 -2.95 9.69
C VAL A 381 -21.70 -4.14 8.76
N PRO A 382 -20.64 -4.92 9.02
CA PRO A 382 -20.31 -6.08 8.19
C PRO A 382 -21.36 -7.19 8.15
N GLU A 383 -21.35 -7.96 7.06
CA GLU A 383 -22.28 -9.07 6.89
C GLU A 383 -21.75 -10.22 7.71
N LYS A 384 -22.62 -11.16 8.08
CA LYS A 384 -22.19 -12.31 8.87
C LYS A 384 -21.08 -13.09 8.18
N ASP A 385 -21.16 -13.20 6.86
CA ASP A 385 -20.16 -13.93 6.08
C ASP A 385 -19.02 -13.02 5.58
N ASP A 386 -18.85 -11.88 6.22
CA ASP A 386 -17.82 -10.91 5.84
C ASP A 386 -16.45 -11.59 5.61
N THR A 387 -15.82 -11.30 4.47
CA THR A 387 -14.52 -11.91 4.16
C THR A 387 -13.43 -11.54 5.15
N PHE A 388 -13.31 -10.27 5.47
CA PHE A 388 -12.30 -9.84 6.42
C PHE A 388 -12.42 -10.59 7.75
N LEU A 389 -13.64 -10.64 8.27
CA LEU A 389 -13.86 -11.33 9.55
C LEU A 389 -13.37 -12.77 9.55
N LYS A 390 -13.69 -13.53 8.51
CA LYS A 390 -13.25 -14.92 8.50
C LYS A 390 -11.75 -15.08 8.29
N LEU A 391 -11.15 -14.21 7.49
CA LEU A 391 -9.70 -14.32 7.27
C LEU A 391 -8.96 -13.84 8.50
N ALA A 392 -9.46 -12.77 9.13
CA ALA A 392 -8.83 -12.25 10.34
C ALA A 392 -8.91 -13.31 11.44
N SER A 393 -10.02 -14.01 11.49
CA SER A 393 -10.21 -15.04 12.51
C SER A 393 -9.23 -16.20 12.27
N ALA A 394 -9.04 -16.56 11.01
CA ALA A 394 -8.13 -17.65 10.68
C ALA A 394 -6.69 -17.26 11.03
N LEU A 395 -6.37 -15.99 10.87
CA LEU A 395 -5.04 -15.48 11.17
C LEU A 395 -4.91 -15.07 12.64
N ASN A 396 -6.05 -14.91 13.29
CA ASN A 396 -6.10 -14.48 14.69
C ASN A 396 -5.57 -13.04 14.70
N LEU A 397 -6.00 -12.29 13.70
CA LEU A 397 -5.60 -10.90 13.52
C LEU A 397 -6.62 -9.99 14.20
N SER A 398 -6.14 -8.96 14.88
CA SER A 398 -7.03 -8.01 15.54
C SER A 398 -7.85 -7.30 14.47
N THR A 399 -9.13 -7.09 14.75
CA THR A 399 -10.00 -6.40 13.80
C THR A 399 -10.16 -4.94 14.20
N LYS A 400 -9.35 -4.50 15.16
CA LYS A 400 -9.40 -3.12 15.64
C LYS A 400 -8.49 -2.26 14.77
N ASN A 401 -8.56 -0.95 14.97
CA ASN A 401 -7.73 -0.02 14.21
C ASN A 401 -6.33 0.04 14.81
N ALA A 402 -5.71 -1.12 14.95
CA ALA A 402 -4.36 -1.22 15.49
C ALA A 402 -3.41 -1.26 14.30
N PRO A 403 -2.09 -1.15 14.55
CA PRO A 403 -1.17 -1.19 13.41
C PRO A 403 -1.38 -2.44 12.55
N SER A 404 -1.21 -2.31 11.24
CA SER A 404 -1.37 -3.45 10.33
C SER A 404 -0.60 -4.67 10.83
N GLY A 405 -1.26 -5.83 10.82
CA GLY A 405 -0.61 -7.05 11.25
C GLY A 405 -0.68 -7.33 12.74
N THR A 406 -1.38 -6.48 13.48
CA THR A 406 -1.51 -6.68 14.92
C THR A 406 -2.39 -7.90 15.19
N LEU A 407 -1.89 -8.81 16.01
CA LEU A 407 -2.64 -10.04 16.34
C LEU A 407 -3.43 -9.87 17.63
N VAL A 408 -4.50 -10.65 17.75
CA VAL A 408 -5.36 -10.62 18.93
C VAL A 408 -4.49 -10.86 20.16
N GLY A 409 -4.61 -9.97 21.15
CA GLY A 409 -3.82 -10.14 22.36
C GLY A 409 -2.58 -9.27 22.43
N ASP A 410 -2.00 -8.91 21.29
CA ASP A 410 -0.82 -8.05 21.28
C ASP A 410 -1.14 -6.81 22.09
N LYS A 411 -0.10 -6.10 22.53
CA LYS A 411 -0.30 -4.89 23.31
C LYS A 411 -1.19 -3.90 22.56
N GLU A 412 -0.95 -3.74 21.26
CA GLU A 412 -1.73 -2.82 20.46
C GLU A 412 -3.21 -3.17 20.40
N ASP A 413 -3.52 -4.45 20.50
CA ASP A 413 -4.90 -4.90 20.45
C ASP A 413 -5.63 -4.72 21.79
N ARG A 414 -4.86 -4.51 22.85
CA ARG A 414 -5.46 -4.34 24.17
C ARG A 414 -5.60 -2.87 24.57
N LYS A 415 -5.33 -1.98 23.62
CA LYS A 415 -5.44 -0.55 23.85
C LYS A 415 -6.92 -0.22 24.09
N GLU A 416 -7.20 0.40 25.23
CA GLU A 416 -8.57 0.76 25.59
C GLU A 416 -9.24 1.71 24.60
N ASP A 417 -10.56 1.58 24.51
CA ASP A 417 -11.39 2.39 23.62
C ASP A 417 -10.84 2.58 22.21
N LEU A 418 -10.30 1.51 21.64
CA LEU A 418 -9.77 1.56 20.29
C LEU A 418 -10.88 1.19 19.31
N SER A 419 -11.05 2.02 18.28
CA SER A 419 -12.07 1.81 17.26
C SER A 419 -11.79 0.63 16.32
N SER A 420 -12.80 0.24 15.56
CA SER A 420 -12.69 -0.85 14.58
C SER A 420 -13.41 -0.46 13.31
N ILE A 421 -13.04 0.68 12.76
CA ILE A 421 -13.65 1.22 11.55
C ILE A 421 -12.76 0.93 10.33
N HIS A 422 -13.34 0.28 9.31
CA HIS A 422 -12.61 -0.06 8.10
C HIS A 422 -13.35 0.41 6.85
N TRP A 423 -12.62 0.97 5.90
CA TRP A 423 -13.23 1.45 4.66
C TRP A 423 -13.40 0.33 3.67
N ARG A 424 -14.58 0.26 3.06
CA ARG A 424 -14.88 -0.78 2.09
C ARG A 424 -15.33 -0.22 0.76
N PHE A 425 -14.90 -0.86 -0.32
CA PHE A 425 -15.27 -0.45 -1.65
C PHE A 425 -16.71 -0.90 -1.86
N GLN A 426 -17.51 -0.07 -2.52
CA GLN A 426 -18.90 -0.40 -2.81
C GLN A 426 -18.99 -0.37 -4.34
N ARG A 427 -18.80 -1.52 -4.97
CA ARG A 427 -18.82 -1.62 -6.43
C ARG A 427 -20.02 -0.94 -7.11
N GLU A 428 -21.18 -1.01 -6.49
CA GLU A 428 -22.38 -0.41 -7.08
C GLU A 428 -22.20 1.09 -7.26
N LEU A 429 -21.47 1.72 -6.34
CA LEU A 429 -21.27 3.16 -6.43
C LEU A 429 -20.45 3.52 -7.66
N TRP A 430 -19.53 2.64 -8.05
CA TRP A 430 -18.74 2.89 -9.26
C TRP A 430 -19.62 2.53 -10.47
N ASP A 431 -20.46 1.51 -10.32
CA ASP A 431 -21.34 1.09 -11.41
C ASP A 431 -22.30 2.21 -11.80
N GLU A 432 -22.80 2.94 -10.81
CA GLU A 432 -23.72 4.03 -11.10
C GLU A 432 -23.02 5.39 -11.13
N GLU A 433 -21.70 5.38 -11.26
CA GLU A 433 -20.93 6.62 -11.33
C GLU A 433 -21.36 7.33 -12.60
N LYS A 434 -21.71 8.61 -12.50
CA LYS A 434 -22.17 9.32 -13.69
C LYS A 434 -21.26 10.41 -14.26
N GLU A 435 -20.18 10.74 -13.58
CA GLU A 435 -19.29 11.79 -14.07
C GLU A 435 -17.87 11.33 -14.39
N ILE A 436 -17.29 10.56 -13.48
CA ILE A 436 -15.93 10.05 -13.66
C ILE A 436 -15.88 8.93 -14.70
N VAL A 437 -14.85 8.96 -15.54
CA VAL A 437 -14.65 7.94 -16.56
C VAL A 437 -13.17 7.58 -16.59
N LEU A 438 -12.85 6.47 -17.25
CA LEU A 438 -11.46 6.03 -17.36
C LEU A 438 -10.93 6.44 -18.73
PB PB B . 19.54 0.84 8.49
PB PB C . -19.17 7.45 8.68
C1 ERG D . 1.79 4.89 1.70
C2 ERG D . 1.09 3.56 1.43
C3 ERG D . 1.75 2.83 0.25
C4 ERG D . 3.20 2.52 0.62
C5 ERG D . 3.94 3.79 1.05
C6 ERG D . 5.20 4.04 0.51
C7 ERG D . 5.90 5.20 0.79
C8 ERG D . 5.36 6.18 1.62
C9 ERG D . 3.88 6.17 2.00
C10 ERG D . 3.28 4.75 2.04
C11 ERG D . 3.60 7.00 3.26
C12 ERG D . 4.35 8.32 3.33
C13 ERG D . 5.86 8.08 3.27
C14 ERG D . 6.16 7.46 1.90
C15 ERG D . 7.68 7.36 1.94
C16 ERG D . 8.02 8.78 2.40
C17 ERG D . 6.72 9.32 3.04
C18 ERG D . 6.34 7.21 4.44
C19 ERG D . 3.43 4.13 3.43
C20 ERG D . 7.01 10.20 4.27
C21 ERG D . 5.70 10.73 4.88
C22 ERG D . 7.88 11.38 3.82
C23 ERG D . 9.25 11.39 4.10
C24 ERG D . 10.09 12.57 3.63
C25 ERG D . 10.76 13.28 4.81
C26 ERG D . 11.72 14.39 4.36
C27 ERG D . 9.68 13.89 5.72
C28 ERG D . 11.12 12.02 2.62
O1 ERG D . 1.04 1.63 -0.04
#